data_3HXT
#
_entry.id   3HXT
#
_cell.length_a   48.705
_cell.length_b   145.122
_cell.length_c   59.218
_cell.angle_alpha   90.000
_cell.angle_beta   90.000
_cell.angle_gamma   90.000
#
_symmetry.space_group_name_H-M   'C 2 2 21'
#
loop_
_entity.id
_entity.type
_entity.pdbx_description
1 polymer '5-formyltetrahydrofolate cyclo-ligase'
2 non-polymer 'NICKEL (II) ION'
3 non-polymer 'MAGNESIUM ION'
4 water water
#
_entity_poly.entity_id   1
_entity_poly.type   'polypeptide(L)'
_entity_poly.pdbx_seq_one_letter_code
;MAAAAVSSAKRSLRGELKQRLRAMSAEERLRQSRVLSQKVIAHSEYQKSKRISIFLSMQDEIETEEIIKDIFQRGKICFI
PRYRFQSNHMDMVRIESPEEISLLPKTSWNIPQPGEGDVREEALSTGGLDLIFMPGLGFDKHGNRLGRGKGYYDAYLKRC
LQHQEVKPYTLALAFKEQICLQVPVNENDMKVDEVLYEDSSTA
;
_entity_poly.pdbx_strand_id   A
#
loop_
_chem_comp.id
_chem_comp.type
_chem_comp.name
_chem_comp.formula
MG non-polymer 'MAGNESIUM ION' 'Mg 2'
NI non-polymer 'NICKEL (II) ION' 'Ni 2'
#
# COMPACT_ATOMS: atom_id res chain seq x y z
N MET A 1 -17.34 7.00 -23.32
CA MET A 1 -16.82 8.37 -23.64
C MET A 1 -16.45 9.11 -22.35
N ALA A 2 -17.42 9.24 -21.45
CA ALA A 2 -17.16 9.82 -20.14
C ALA A 2 -16.15 8.96 -19.38
N ALA A 3 -16.25 7.64 -19.57
CA ALA A 3 -15.29 6.68 -19.02
C ALA A 3 -13.88 6.93 -19.56
N ALA A 4 -13.79 7.15 -20.88
CA ALA A 4 -12.52 7.42 -21.53
C ALA A 4 -11.93 8.76 -21.04
N ALA A 5 -12.78 9.74 -20.78
CA ALA A 5 -12.33 11.06 -20.34
C ALA A 5 -11.72 10.96 -18.95
N VAL A 6 -12.34 10.14 -18.10
CA VAL A 6 -11.80 9.82 -16.78
C VAL A 6 -10.44 9.13 -16.89
N SER A 7 -10.36 8.08 -17.71
CA SER A 7 -9.10 7.38 -17.98
C SER A 7 -7.99 8.35 -18.43
N SER A 8 -8.34 9.26 -19.33
CA SER A 8 -7.41 10.27 -19.85
C SER A 8 -6.86 11.19 -18.77
N ALA A 9 -7.77 11.66 -17.92
CA ALA A 9 -7.42 12.51 -16.78
C ALA A 9 -6.46 11.79 -15.83
N LYS A 10 -6.75 10.52 -15.53
CA LYS A 10 -5.87 9.69 -14.68
C LYS A 10 -4.49 9.50 -15.30
N ARG A 11 -4.46 9.17 -16.60
CA ARG A 11 -3.22 8.98 -17.33
C ARG A 11 -2.35 10.24 -17.29
N SER A 12 -2.97 11.40 -17.49
CA SER A 12 -2.24 12.67 -17.45
C SER A 12 -1.64 12.92 -16.07
N LEU A 13 -2.47 12.78 -15.05
CA LEU A 13 -2.03 12.95 -13.68
C LEU A 13 -0.89 11.99 -13.33
N ARG A 14 -1.00 10.72 -13.73
CA ARG A 14 0.07 9.73 -13.51
C ARG A 14 1.40 10.22 -14.08
N GLY A 15 1.36 10.73 -15.30
CA GLY A 15 2.55 11.30 -15.95
C GLY A 15 3.12 12.46 -15.14
N GLU A 16 2.25 13.41 -14.79
CA GLU A 16 2.62 14.56 -13.98
C GLU A 16 3.22 14.15 -12.64
N LEU A 17 2.61 13.15 -12.01
CA LEU A 17 3.05 12.66 -10.70
C LEU A 17 4.37 11.91 -10.76
N LYS A 18 4.50 11.01 -11.75
CA LYS A 18 5.71 10.18 -11.90
C LYS A 18 6.92 11.02 -12.24
N GLN A 19 6.68 12.14 -12.91
CA GLN A 19 7.72 13.13 -13.18
C GLN A 19 8.26 13.70 -11.88
N ARG A 20 7.36 14.16 -11.02
CA ARG A 20 7.72 14.70 -9.69
C ARG A 20 8.49 13.69 -8.84
N LEU A 21 8.05 12.44 -8.83
CA LEU A 21 8.68 11.39 -8.05
C LEU A 21 10.07 11.06 -8.55
N MET A 24 12.82 13.43 -7.43
CA MET A 24 13.23 13.56 -6.04
C MET A 24 14.57 12.85 -5.83
N SER A 25 15.35 13.32 -4.86
CA SER A 25 16.62 12.69 -4.55
C SER A 25 16.42 11.48 -3.65
N ALA A 26 17.39 10.56 -3.65
CA ALA A 26 17.35 9.39 -2.77
C ALA A 26 17.28 9.78 -1.29
N GLU A 27 18.07 10.78 -0.90
CA GLU A 27 18.09 11.25 0.50
C GLU A 27 16.79 11.93 0.93
N GLU A 28 16.18 12.70 0.04
CA GLU A 28 14.88 13.31 0.33
C GLU A 28 13.79 12.25 0.51
N ARG A 29 13.85 11.21 -0.31
CA ARG A 29 12.95 10.07 -0.16
C ARG A 29 13.09 9.44 1.21
N LEU A 30 14.35 9.19 1.62
CA LEU A 30 14.62 8.64 2.94
C LEU A 30 14.19 9.58 4.07
N ARG A 31 14.48 10.87 3.91
CA ARG A 31 14.07 11.89 4.89
C ARG A 31 12.57 11.81 5.19
N GLN A 32 11.79 11.80 4.10
CA GLN A 32 10.36 11.89 4.18
C GLN A 32 9.76 10.57 4.68
N SER A 33 10.39 9.46 4.31
CA SER A 33 10.03 8.15 4.85
C SER A 33 10.23 8.07 6.38
N ARG A 34 11.31 8.68 6.88
CA ARG A 34 11.55 8.74 8.33
C ARG A 34 10.47 9.55 9.08
N VAL A 35 10.03 10.65 8.48
CA VAL A 35 8.93 11.46 9.03
C VAL A 35 7.62 10.65 9.11
N LEU A 36 7.32 9.93 8.03
CA LEU A 36 6.08 9.15 7.99
C LEU A 36 6.11 7.97 8.96
N SER A 37 7.27 7.32 9.10
CA SER A 37 7.40 6.20 10.03
C SER A 37 7.08 6.62 11.46
N GLN A 38 7.60 7.77 11.89
CA GLN A 38 7.30 8.33 13.19
C GLN A 38 5.81 8.64 13.35
N LYS A 39 5.20 9.26 12.34
CA LYS A 39 3.78 9.53 12.33
C LYS A 39 2.98 8.24 12.43
N VAL A 40 3.41 7.20 11.70
CA VAL A 40 2.75 5.89 11.73
C VAL A 40 2.88 5.25 13.12
N ILE A 41 4.10 5.20 13.64
CA ILE A 41 4.36 4.58 14.94
C ILE A 41 3.55 5.26 16.06
N ALA A 42 3.26 6.55 15.91
CA ALA A 42 2.49 7.33 16.88
C ALA A 42 0.98 7.26 16.64
N HIS A 43 0.57 6.61 15.55
CA HIS A 43 -0.81 6.61 15.07
C HIS A 43 -1.70 5.59 15.81
N SER A 44 -2.88 6.03 16.24
CA SER A 44 -3.80 5.23 17.08
C SER A 44 -4.25 3.94 16.45
N GLU A 45 -4.66 4.02 15.18
CA GLU A 45 -5.11 2.85 14.43
C GLU A 45 -3.99 1.85 14.25
N TYR A 46 -2.79 2.34 13.98
CA TYR A 46 -1.62 1.48 13.86
C TYR A 46 -1.29 0.79 15.19
N GLN A 47 -1.22 1.58 16.26
CA GLN A 47 -0.90 1.03 17.59
C GLN A 47 -1.89 -0.06 18.03
N LYS A 48 -3.16 0.09 17.68
CA LYS A 48 -4.21 -0.87 18.10
C LYS A 48 -4.33 -2.09 17.20
N SER A 49 -3.82 -2.00 15.97
CA SER A 49 -4.01 -3.06 14.96
C SER A 49 -3.30 -4.35 15.37
N LYS A 50 -3.95 -5.48 15.09
CA LYS A 50 -3.39 -6.77 15.44
C LYS A 50 -2.93 -7.49 14.17
N ARG A 51 -3.67 -7.29 13.07
CA ARG A 51 -3.41 -8.01 11.81
C ARG A 51 -3.25 -6.98 10.72
N ILE A 52 -2.04 -6.91 10.18
CA ILE A 52 -1.63 -5.79 9.34
C ILE A 52 -1.12 -6.17 7.93
N SER A 53 -1.53 -5.43 6.92
CA SER A 53 -1.00 -5.58 5.55
C SER A 53 -0.11 -4.38 5.22
N ILE A 54 1.11 -4.65 4.77
CA ILE A 54 2.05 -3.60 4.40
C ILE A 54 2.76 -3.95 3.10
N PHE A 55 3.02 -2.92 2.28
CA PHE A 55 3.70 -3.10 1.00
C PHE A 55 5.21 -2.93 1.15
N LEU A 56 5.92 -3.55 0.21
CA LEU A 56 7.36 -3.47 0.10
C LEU A 56 7.68 -2.41 -0.96
N SER A 57 8.47 -1.42 -0.55
CA SER A 57 8.54 -0.15 -1.27
C SER A 57 9.30 -0.22 -2.60
N MET A 58 8.71 0.41 -3.60
CA MET A 58 9.44 0.70 -4.85
C MET A 58 10.18 2.01 -4.63
N GLN A 59 10.96 2.42 -5.63
CA GLN A 59 11.79 3.61 -5.45
C GLN A 59 11.00 4.92 -5.52
N ASP A 60 9.78 4.85 -6.05
CA ASP A 60 8.91 6.02 -6.12
C ASP A 60 7.85 5.98 -5.02
N GLU A 61 8.14 5.23 -3.96
CA GLU A 61 7.22 5.05 -2.82
C GLU A 61 7.92 5.34 -1.50
N ILE A 62 7.15 5.83 -0.53
CA ILE A 62 7.60 5.89 0.86
C ILE A 62 8.24 4.54 1.24
N GLU A 63 9.41 4.60 1.86
CA GLU A 63 10.11 3.40 2.32
C GLU A 63 9.46 2.87 3.60
N THR A 64 8.94 1.64 3.54
CA THR A 64 8.28 1.00 4.70
C THR A 64 9.21 0.16 5.60
N GLU A 65 10.51 0.12 5.32
CA GLU A 65 11.44 -0.73 6.09
C GLU A 65 11.35 -0.51 7.62
N GLU A 66 11.38 0.74 8.05
CA GLU A 66 11.32 1.05 9.48
C GLU A 66 10.01 0.60 10.13
N ILE A 67 8.89 0.80 9.45
CA ILE A 67 7.56 0.39 9.95
C ILE A 67 7.48 -1.15 10.08
N ILE A 68 7.99 -1.87 9.06
CA ILE A 68 8.07 -3.33 9.13
C ILE A 68 8.85 -3.85 10.37
N LYS A 69 9.99 -3.24 10.69
CA LYS A 69 10.72 -3.59 11.90
C LYS A 69 9.85 -3.43 13.14
N ASP A 70 9.10 -2.32 13.17
CA ASP A 70 8.27 -1.98 14.32
C ASP A 70 7.08 -2.92 14.44
N ILE A 71 6.48 -3.27 13.30
CA ILE A 71 5.33 -4.21 13.25
C ILE A 71 5.70 -5.50 14.00
N PHE A 72 6.88 -6.04 13.71
CA PHE A 72 7.31 -7.27 14.34
C PHE A 72 7.67 -7.08 15.82
N GLN A 73 8.22 -5.91 16.15
CA GLN A 73 8.48 -5.54 17.56
C GLN A 73 7.22 -5.48 18.42
N ARG A 74 6.13 -5.01 17.83
CA ARG A 74 4.82 -4.93 18.48
C ARG A 74 4.01 -6.24 18.40
N GLY A 75 4.68 -7.30 17.93
CA GLY A 75 4.07 -8.62 17.80
C GLY A 75 2.84 -8.68 16.91
N LYS A 76 2.75 -7.82 15.90
CA LYS A 76 1.61 -7.82 15.00
C LYS A 76 1.78 -8.95 13.99
N ILE A 77 0.67 -9.45 13.47
CA ILE A 77 0.71 -10.45 12.41
C ILE A 77 0.82 -9.72 11.09
N CYS A 78 1.92 -9.94 10.38
CA CYS A 78 2.27 -9.14 9.21
C CYS A 78 2.08 -9.89 7.87
N PHE A 79 1.39 -9.22 6.94
CA PHE A 79 1.10 -9.76 5.62
C PHE A 79 1.58 -8.79 4.55
N ILE A 80 2.10 -9.34 3.45
CA ILE A 80 2.54 -8.55 2.33
C ILE A 80 1.82 -8.95 1.01
N PRO A 81 1.81 -8.04 0.01
CA PRO A 81 1.16 -8.35 -1.26
C PRO A 81 1.80 -9.51 -2.02
N ARG A 82 0.96 -10.36 -2.60
CA ARG A 82 1.44 -11.31 -3.60
C ARG A 82 0.50 -11.18 -4.80
N TYR A 83 0.99 -10.56 -5.88
CA TYR A 83 0.17 -10.21 -7.03
C TYR A 83 0.21 -11.34 -8.06
N ARG A 84 -0.92 -11.55 -8.73
CA ARG A 84 -1.00 -12.39 -9.93
C ARG A 84 -1.00 -11.47 -11.13
N PHE A 85 0.12 -11.41 -11.84
CA PHE A 85 0.31 -10.40 -12.88
C PHE A 85 -0.57 -10.62 -14.11
N GLN A 86 -1.07 -11.84 -14.28
CA GLN A 86 -1.99 -12.19 -15.37
C GLN A 86 -3.32 -11.45 -15.25
N SER A 87 -3.67 -10.99 -14.04
CA SER A 87 -4.95 -10.31 -13.82
C SER A 87 -4.86 -9.22 -12.76
N ASN A 88 -6.01 -8.83 -12.21
CA ASN A 88 -6.04 -7.88 -11.09
C ASN A 88 -6.22 -8.55 -9.73
N HIS A 89 -5.75 -9.80 -9.63
CA HIS A 89 -5.79 -10.56 -8.39
C HIS A 89 -4.53 -10.45 -7.55
N MET A 90 -4.72 -10.18 -6.27
CA MET A 90 -3.65 -10.22 -5.29
C MET A 90 -4.18 -10.88 -4.01
N ASP A 91 -3.27 -11.53 -3.28
CA ASP A 91 -3.54 -11.95 -1.90
C ASP A 91 -2.58 -11.22 -0.99
N MET A 92 -2.88 -11.23 0.31
CA MET A 92 -1.92 -10.76 1.31
C MET A 92 -1.42 -11.99 2.04
N VAL A 93 -0.11 -12.20 1.99
CA VAL A 93 0.47 -13.44 2.49
C VAL A 93 1.35 -13.17 3.71
N ARG A 94 1.33 -14.09 4.67
CA ARG A 94 2.05 -13.90 5.92
C ARG A 94 3.57 -14.06 5.82
N ILE A 95 4.31 -13.06 6.32
CA ILE A 95 5.76 -13.19 6.54
C ILE A 95 6.05 -13.22 8.04
N GLU A 96 7.13 -13.89 8.44
CA GLU A 96 7.36 -14.19 9.87
C GLU A 96 8.45 -13.35 10.55
N SER A 97 9.21 -12.60 9.75
CA SER A 97 10.26 -11.70 10.24
C SER A 97 10.65 -10.72 9.14
N PRO A 98 11.26 -9.57 9.50
CA PRO A 98 11.75 -8.65 8.45
C PRO A 98 12.85 -9.30 7.60
N GLU A 99 13.67 -10.15 8.23
CA GLU A 99 14.80 -10.82 7.59
C GLU A 99 14.41 -11.81 6.49
N GLU A 100 13.23 -12.42 6.64
CA GLU A 100 12.67 -13.31 5.62
C GLU A 100 12.58 -12.62 4.25
N ILE A 101 12.22 -11.34 4.28
CA ILE A 101 12.01 -10.54 3.07
C ILE A 101 13.22 -10.58 2.13
N SER A 102 14.41 -10.56 2.73
CA SER A 102 15.68 -10.58 1.98
C SER A 102 15.92 -11.86 1.18
N LEU A 103 15.26 -12.96 1.55
CA LEU A 103 15.47 -14.23 0.86
C LEU A 103 14.45 -14.51 -0.24
N LEU A 104 13.40 -13.71 -0.29
CA LEU A 104 12.30 -13.93 -1.22
C LEU A 104 12.73 -13.69 -2.67
N PRO A 105 12.14 -14.44 -3.60
CA PRO A 105 12.29 -14.12 -5.03
C PRO A 105 11.63 -12.79 -5.30
N LYS A 106 12.01 -12.14 -6.40
CA LYS A 106 11.48 -10.82 -6.72
C LYS A 106 10.72 -10.83 -8.03
N THR A 107 9.80 -9.87 -8.18
CA THR A 107 9.00 -9.76 -9.39
C THR A 107 9.69 -8.90 -10.44
N SER A 108 9.07 -8.79 -11.63
CA SER A 108 9.56 -7.85 -12.67
C SER A 108 9.57 -6.38 -12.22
N TRP A 109 8.94 -6.08 -11.08
CA TRP A 109 9.01 -4.76 -10.51
C TRP A 109 10.17 -4.65 -9.51
N ASN A 110 10.96 -5.72 -9.39
CA ASN A 110 12.02 -5.85 -8.38
C ASN A 110 11.53 -5.75 -6.94
N ILE A 111 10.31 -6.21 -6.73
CA ILE A 111 9.70 -6.27 -5.39
C ILE A 111 9.63 -7.72 -4.95
N PRO A 112 10.09 -8.00 -3.70
CA PRO A 112 9.98 -9.32 -3.12
C PRO A 112 8.53 -9.76 -2.94
N GLN A 113 8.27 -11.01 -3.31
CA GLN A 113 7.04 -11.70 -2.95
C GLN A 113 7.30 -13.21 -3.01
N PRO A 114 6.62 -13.98 -2.16
CA PRO A 114 6.83 -15.44 -2.20
C PRO A 114 6.50 -15.99 -3.60
N GLY A 115 7.28 -16.96 -4.04
CA GLY A 115 7.12 -17.59 -5.35
C GLY A 115 5.92 -18.51 -5.48
N GLU A 116 5.73 -19.05 -6.68
CA GLU A 116 4.57 -19.88 -7.03
C GLU A 116 4.40 -21.15 -6.20
N GLY A 117 5.50 -21.82 -5.86
CA GLY A 117 5.42 -23.06 -5.06
C GLY A 117 5.46 -22.86 -3.55
N ASP A 118 5.54 -21.59 -3.12
CA ASP A 118 5.69 -21.25 -1.71
C ASP A 118 4.31 -21.15 -1.06
N VAL A 119 3.94 -22.16 -0.28
CA VAL A 119 2.63 -22.21 0.38
C VAL A 119 2.57 -21.18 1.51
N ARG A 120 1.59 -20.30 1.43
CA ARG A 120 1.49 -19.19 2.38
C ARG A 120 0.14 -19.11 3.04
N GLU A 121 0.12 -18.70 4.31
CA GLU A 121 -1.10 -18.27 4.97
C GLU A 121 -1.59 -16.97 4.35
N GLU A 122 -2.78 -16.99 3.78
CA GLU A 122 -3.41 -15.81 3.21
C GLU A 122 -4.24 -15.16 4.30
N ALA A 123 -4.09 -13.83 4.46
CA ALA A 123 -4.85 -13.07 5.47
C ALA A 123 -6.36 -13.38 5.53
N LEU A 124 -7.01 -13.53 4.39
CA LEU A 124 -8.46 -13.79 4.39
C LEU A 124 -8.86 -15.22 4.79
N SER A 125 -7.87 -16.10 4.89
CA SER A 125 -8.12 -17.48 5.33
C SER A 125 -8.18 -17.58 6.86
N THR A 126 -7.67 -16.54 7.53
CA THR A 126 -7.48 -16.57 8.98
C THR A 126 -7.96 -15.33 9.76
N GLY A 127 -8.96 -14.63 9.23
CA GLY A 127 -9.60 -13.55 9.98
C GLY A 127 -9.62 -12.19 9.33
N GLY A 128 -8.87 -12.04 8.24
CA GLY A 128 -8.80 -10.77 7.53
C GLY A 128 -7.76 -9.85 8.13
N LEU A 129 -7.98 -8.53 8.01
CA LEU A 129 -7.01 -7.51 8.43
C LEU A 129 -7.65 -6.35 9.18
N ASP A 130 -6.95 -5.85 10.21
CA ASP A 130 -7.35 -4.65 10.97
C ASP A 130 -6.96 -3.37 10.21
N LEU A 131 -5.80 -3.43 9.57
CA LEU A 131 -5.20 -2.24 8.96
C LEU A 131 -4.41 -2.62 7.74
N ILE A 132 -4.67 -1.90 6.66
CA ILE A 132 -3.97 -2.03 5.37
C ILE A 132 -3.31 -0.70 4.99
N PHE A 133 -1.98 -0.73 4.86
CA PHE A 133 -1.23 0.38 4.28
C PHE A 133 -1.42 0.41 2.76
N MET A 134 -1.94 1.54 2.27
CA MET A 134 -2.33 1.67 0.88
C MET A 134 -1.26 2.39 0.06
N PRO A 135 -0.62 1.68 -0.90
CA PRO A 135 0.28 2.38 -1.81
C PRO A 135 -0.51 3.09 -2.92
N GLY A 136 0.13 4.01 -3.63
CA GLY A 136 -0.48 4.66 -4.77
C GLY A 136 0.44 5.69 -5.37
N LEU A 137 0.10 6.15 -6.57
CA LEU A 137 0.88 7.19 -7.23
C LEU A 137 0.54 8.57 -6.69
N GLY A 138 -0.74 8.80 -6.42
CA GLY A 138 -1.22 10.07 -5.92
C GLY A 138 -2.43 9.93 -5.04
N PHE A 139 -2.64 10.92 -4.19
CA PHE A 139 -3.79 10.95 -3.28
C PHE A 139 -4.23 12.41 -3.13
N ASP A 140 -5.53 12.62 -2.96
CA ASP A 140 -5.98 13.94 -2.54
C ASP A 140 -6.37 13.96 -1.05
N LYS A 141 -6.73 15.13 -0.55
CA LYS A 141 -7.11 15.29 0.87
C LYS A 141 -8.47 14.67 1.22
N HIS A 142 -9.20 14.21 0.24
CA HIS A 142 -10.43 13.45 0.44
C HIS A 142 -10.23 11.92 0.49
N GLY A 143 -9.01 11.46 0.39
CA GLY A 143 -8.72 10.03 0.42
C GLY A 143 -8.90 9.32 -0.91
N ASN A 144 -9.15 10.09 -1.98
CA ASN A 144 -9.16 9.52 -3.33
C ASN A 144 -7.75 9.11 -3.68
N ARG A 145 -7.62 7.92 -4.27
CA ARG A 145 -6.32 7.33 -4.57
C ARG A 145 -6.16 7.11 -6.06
N LEU A 146 -4.98 7.45 -6.57
CA LEU A 146 -4.63 7.14 -7.95
C LEU A 146 -3.58 6.06 -7.88
N GLY A 147 -3.96 4.84 -8.28
CA GLY A 147 -3.03 3.72 -8.35
C GLY A 147 -2.36 3.68 -9.71
N ARG A 148 -1.62 2.60 -9.96
CA ARG A 148 -0.88 2.47 -11.23
C ARG A 148 -1.75 2.07 -12.43
N GLY A 149 -3.01 1.71 -12.17
CA GLY A 149 -3.97 1.41 -13.23
C GLY A 149 -4.56 0.01 -13.20
N LYS A 150 -3.92 -0.89 -12.47
CA LYS A 150 -4.30 -2.31 -12.47
C LYS A 150 -5.44 -2.66 -11.51
N GLY A 151 -5.74 -1.76 -10.56
CA GLY A 151 -6.85 -1.94 -9.63
C GLY A 151 -6.82 -3.13 -8.66
N TYR A 152 -5.63 -3.61 -8.32
CA TYR A 152 -5.46 -4.70 -7.34
C TYR A 152 -6.08 -4.38 -5.97
N TYR A 153 -5.71 -3.23 -5.41
CA TYR A 153 -6.17 -2.86 -4.06
C TYR A 153 -7.69 -2.62 -4.00
N ASP A 154 -8.26 -2.06 -5.05
CA ASP A 154 -9.70 -1.85 -5.09
C ASP A 154 -10.44 -3.19 -4.98
N ALA A 155 -10.01 -4.16 -5.80
CA ALA A 155 -10.60 -5.50 -5.77
C ALA A 155 -10.34 -6.23 -4.45
N TYR A 156 -9.13 -6.06 -3.90
CA TYR A 156 -8.80 -6.70 -2.64
C TYR A 156 -9.71 -6.21 -1.52
N LEU A 157 -9.89 -4.90 -1.41
CA LEU A 157 -10.80 -4.33 -0.40
C LEU A 157 -12.23 -4.88 -0.45
N LYS A 158 -12.75 -5.07 -1.66
CA LYS A 158 -14.07 -5.64 -1.86
C LYS A 158 -14.18 -7.08 -1.35
N ARG A 159 -13.10 -7.85 -1.48
CA ARG A 159 -13.03 -9.19 -0.88
C ARG A 159 -13.02 -9.13 0.63
N CYS A 160 -12.34 -8.11 1.19
CA CYS A 160 -12.23 -7.99 2.65
C CYS A 160 -13.60 -7.83 3.29
N LEU A 161 -14.49 -7.15 2.58
CA LEU A 161 -15.90 -6.97 3.00
C LEU A 161 -16.63 -8.31 3.22
N GLN A 162 -16.25 -9.34 2.48
CA GLN A 162 -16.88 -10.66 2.60
C GLN A 162 -16.37 -11.53 3.77
N HIS A 163 -15.42 -11.00 4.54
CA HIS A 163 -14.82 -11.77 5.64
C HIS A 163 -14.86 -11.07 6.97
N GLN A 164 -15.20 -9.78 6.92
CA GLN A 164 -15.11 -8.96 8.09
C GLN A 164 -16.38 -8.19 8.20
N GLU A 165 -16.93 -8.18 9.41
CA GLU A 165 -18.06 -7.35 9.76
C GLU A 165 -17.63 -5.91 9.65
N VAL A 166 -16.41 -5.63 10.12
CA VAL A 166 -15.84 -4.28 10.06
C VAL A 166 -14.71 -4.25 9.04
N LYS A 167 -14.79 -3.31 8.10
CA LYS A 167 -13.77 -3.18 7.06
C LYS A 167 -12.38 -2.84 7.64
N PRO A 168 -11.30 -3.26 6.95
CA PRO A 168 -9.96 -2.89 7.48
C PRO A 168 -9.79 -1.37 7.40
N TYR A 169 -9.09 -0.79 8.36
CA TYR A 169 -8.71 0.63 8.27
C TYR A 169 -7.67 0.80 7.15
N THR A 170 -7.82 1.82 6.33
CA THR A 170 -6.88 2.00 5.21
C THR A 170 -6.08 3.27 5.37
N LEU A 171 -4.76 3.12 5.45
CA LEU A 171 -3.83 4.21 5.76
C LEU A 171 -2.81 4.33 4.62
N ALA A 172 -2.90 5.45 3.89
CA ALA A 172 -2.01 5.76 2.78
C ALA A 172 -0.79 6.52 3.27
N LEU A 173 0.37 6.20 2.67
CA LEU A 173 1.62 6.85 3.01
C LEU A 173 2.14 7.57 1.77
N ALA A 174 2.21 8.90 1.87
CA ALA A 174 2.48 9.70 0.68
C ALA A 174 3.63 10.67 0.87
N PHE A 175 4.41 10.86 -0.20
CA PHE A 175 5.31 12.00 -0.26
C PHE A 175 4.46 13.25 -0.39
N LYS A 176 4.98 14.37 0.10
CA LYS A 176 4.38 15.68 -0.16
C LYS A 176 4.09 15.84 -1.65
N GLU A 177 5.02 15.35 -2.48
CA GLU A 177 4.89 15.42 -3.94
C GLU A 177 3.70 14.63 -4.52
N GLN A 178 3.17 13.70 -3.74
CA GLN A 178 2.07 12.84 -4.20
C GLN A 178 0.68 13.38 -3.89
N ILE A 179 0.61 14.45 -3.10
CA ILE A 179 -0.67 15.08 -2.76
C ILE A 179 -1.17 15.95 -3.90
N CYS A 180 -2.39 15.66 -4.36
CA CYS A 180 -3.03 16.30 -5.51
C CYS A 180 -4.27 17.07 -5.08
N LEU A 181 -4.66 18.08 -5.87
CA LEU A 181 -5.86 18.88 -5.61
C LEU A 181 -7.10 18.02 -5.76
N GLN A 182 -7.27 17.42 -6.95
CA GLN A 182 -8.38 16.52 -7.28
C GLN A 182 -7.83 15.34 -8.06
N VAL A 183 -7.99 14.13 -7.50
CA VAL A 183 -7.68 12.91 -8.23
C VAL A 183 -8.94 12.46 -8.98
N PRO A 184 -8.85 12.29 -10.32
CA PRO A 184 -10.02 11.85 -11.07
C PRO A 184 -10.46 10.47 -10.60
N VAL A 185 -11.75 10.27 -10.40
CA VAL A 185 -12.26 9.01 -9.84
C VAL A 185 -13.45 8.44 -10.64
N ASN A 186 -13.67 7.13 -10.47
CA ASN A 186 -14.81 6.45 -11.07
C ASN A 186 -16.10 6.63 -10.25
N ASP A 189 -14.56 4.26 -7.65
CA ASP A 189 -13.62 3.42 -6.92
C ASP A 189 -13.47 3.91 -5.48
N MET A 190 -12.60 3.27 -4.73
CA MET A 190 -12.75 3.16 -3.28
C MET A 190 -11.80 4.13 -2.55
N LYS A 191 -12.29 4.95 -1.62
CA LYS A 191 -11.49 5.93 -0.88
C LYS A 191 -10.66 5.27 0.22
N VAL A 192 -9.54 5.91 0.58
CA VAL A 192 -8.79 5.48 1.77
C VAL A 192 -9.28 6.28 2.98
N ASP A 193 -9.10 5.71 4.18
CA ASP A 193 -9.60 6.37 5.39
C ASP A 193 -8.77 7.60 5.72
N GLU A 194 -7.48 7.52 5.44
CA GLU A 194 -6.57 8.58 5.81
C GLU A 194 -5.30 8.57 4.95
N VAL A 195 -4.85 9.76 4.57
CA VAL A 195 -3.57 9.92 3.86
C VAL A 195 -2.57 10.63 4.78
N LEU A 196 -1.45 9.97 5.08
CA LEU A 196 -0.42 10.58 5.90
C LEU A 196 0.65 11.17 5.00
N TYR A 197 1.13 12.35 5.36
CA TYR A 197 2.20 13.03 4.64
C TYR A 197 2.72 14.33 5.24
N GLU A 198 3.96 14.56 5.30
CA GLU A 198 4.58 15.91 5.36
C GLU A 198 6.11 15.99 5.43
N ASP A 199 6.63 17.21 5.43
CA ASP A 199 8.05 17.46 5.27
C ASP A 199 8.91 16.63 6.19
NI NI B . -5.63 -12.67 1.44
NI NI C . -5.00 -15.99 -4.92
MG MG D . 2.48 -13.85 -10.98
NI NI E . -11.52 18.77 -3.12
MG MG F . 10.22 12.29 -3.37
NI NI G . -3.83 -1.14 -7.12
MG MG H . 11.99 5.04 -1.58
MG MG I . -8.23 -10.24 -5.01
MG MG J . 15.99 -12.32 -3.96
MG MG K . -1.26 -18.66 -5.41
MG MG L . -2.99 18.58 -8.44
#